data_2O95
#
_entry.id   2O95
#
_cell.length_a   114.103
_cell.length_b   95.289
_cell.length_c   58.988
_cell.angle_alpha   90.000
_cell.angle_beta   121.130
_cell.angle_gamma   90.000
#
_symmetry.space_group_name_H-M   'C 1 2 1'
#
loop_
_entity.id
_entity.type
_entity.pdbx_description
1 polymer '26S proteasome non-ATPase regulatory subunit 7'
2 non-polymer 'SULFATE ION'
3 non-polymer 'DODECAETHYLENE GLYCOL'
4 non-polymer 'TETRAETHYLENE GLYCOL'
5 non-polymer 'TRIETHYLENE GLYCOL'
6 non-polymer 2-{2-[2-2-(METHOXY-ETHOXY)-ETHOXY]-ETHOXY}-ETHANOL
7 water water
#
_entity_poly.entity_id   1
_entity_poly.type   'polypeptide(L)'
_entity_poly.pdbx_seq_one_letter_code
;GMPELAVQKVVVHPLVLLSVVDHFNRIGKVGNQKRVVGVLLGSWQKKVLDVSNSFAVPFDEDDKDDSVWFLDHDYLENMY
GMFKKVNARERIVGWYHTGPKLHKNDIAINELMKRYCPNSVLVIIDVKPKDLGLPTEAYISVEEVHDDGTPTSKTFEHVT
SEIGAEEAEEVGVEHLLRDIKDTTVGT
;
_entity_poly.pdbx_strand_id   A,B
#
loop_
_chem_comp.id
_chem_comp.type
_chem_comp.name
_chem_comp.formula
12P non-polymer 'DODECAETHYLENE GLYCOL' 'C24 H50 O13'
ETE non-polymer 2-{2-[2-2-(METHOXY-ETHOXY)-ETHOXY]-ETHOXY}-ETHANOL 'C9 H20 O5'
PG4 non-polymer 'TETRAETHYLENE GLYCOL' 'C8 H18 O5'
PGE non-polymer 'TRIETHYLENE GLYCOL' 'C6 H14 O4'
SO4 non-polymer 'SULFATE ION' 'O4 S -2'
#
# COMPACT_ATOMS: atom_id res chain seq x y z
N MET A 2 14.59 -1.17 15.57
CA MET A 2 13.37 -1.87 15.04
C MET A 2 13.44 -1.93 13.50
N PRO A 3 13.47 -3.16 12.95
CA PRO A 3 13.76 -3.34 11.52
C PRO A 3 12.55 -3.07 10.59
N GLU A 4 12.85 -2.65 9.36
CA GLU A 4 11.81 -2.43 8.32
C GLU A 4 11.12 -3.74 7.92
N LEU A 5 10.11 -3.63 7.05
CA LEU A 5 9.37 -4.80 6.63
C LEU A 5 10.27 -5.80 5.94
N ALA A 6 9.90 -7.07 6.09
CA ALA A 6 10.58 -8.15 5.38
C ALA A 6 10.13 -8.11 3.93
N VAL A 7 8.90 -7.65 3.71
CA VAL A 7 8.36 -7.50 2.34
C VAL A 7 7.99 -6.05 2.05
N GLN A 8 8.56 -5.51 0.98
CA GLN A 8 8.22 -4.18 0.52
C GLN A 8 7.45 -4.11 -0.80
N LYS A 9 7.33 -5.23 -1.51
CA LYS A 9 6.52 -5.31 -2.72
C LYS A 9 6.07 -6.71 -2.98
N VAL A 10 4.86 -6.81 -3.51
CA VAL A 10 4.20 -8.06 -3.76
C VAL A 10 3.82 -8.09 -5.23
N VAL A 11 4.29 -9.08 -5.93
CA VAL A 11 3.94 -9.26 -7.31
C VAL A 11 3.01 -10.46 -7.35
N VAL A 12 1.77 -10.20 -7.70
CA VAL A 12 0.79 -11.25 -7.84
C VAL A 12 0.69 -11.65 -9.32
N HIS A 13 0.91 -12.91 -9.60
CA HIS A 13 0.90 -13.38 -10.95
C HIS A 13 -0.52 -13.51 -11.47
N PRO A 14 -0.70 -13.26 -12.77
CA PRO A 14 -2.02 -13.25 -13.37
C PRO A 14 -2.88 -14.45 -13.03
N LEU A 15 -2.31 -15.65 -13.03
CA LEU A 15 -3.01 -16.88 -12.71
C LEU A 15 -3.66 -16.79 -11.37
N VAL A 16 -2.96 -16.23 -10.37
CA VAL A 16 -3.56 -16.09 -9.08
C VAL A 16 -4.83 -15.23 -9.20
N LEU A 17 -4.75 -14.10 -9.87
CA LEU A 17 -5.90 -13.18 -9.89
C LEU A 17 -7.05 -13.90 -10.57
N LEU A 18 -6.74 -14.53 -11.69
CA LEU A 18 -7.74 -15.21 -12.48
C LEU A 18 -8.40 -16.32 -11.70
N SER A 19 -7.59 -17.12 -11.01
N SER A 19 -7.61 -17.11 -10.97
CA SER A 19 -8.05 -18.21 -10.16
CA SER A 19 -8.09 -18.23 -10.17
C SER A 19 -9.03 -17.68 -9.14
C SER A 19 -8.99 -17.75 -9.04
N VAL A 20 -8.58 -16.67 -8.41
CA VAL A 20 -9.35 -16.13 -7.30
C VAL A 20 -10.64 -15.53 -7.79
N VAL A 21 -10.58 -14.73 -8.85
CA VAL A 21 -11.78 -14.11 -9.40
C VAL A 21 -12.70 -15.21 -9.93
N ASP A 22 -12.16 -16.15 -10.70
CA ASP A 22 -12.96 -17.22 -11.22
C ASP A 22 -13.64 -18.03 -10.11
N HIS A 23 -12.88 -18.42 -9.09
CA HIS A 23 -13.43 -19.24 -8.03
C HIS A 23 -14.57 -18.46 -7.37
N PHE A 24 -14.27 -17.21 -7.00
CA PHE A 24 -15.29 -16.33 -6.44
C PHE A 24 -16.55 -16.21 -7.28
N ASN A 25 -16.42 -16.03 -8.60
CA ASN A 25 -17.62 -15.89 -9.42
C ASN A 25 -18.36 -17.20 -9.51
N ARG A 26 -17.62 -18.30 -9.52
CA ARG A 26 -18.24 -19.62 -9.63
C ARG A 26 -19.01 -19.98 -8.39
N ILE A 27 -18.46 -19.67 -7.23
CA ILE A 27 -19.27 -19.89 -6.01
C ILE A 27 -20.42 -18.92 -5.88
N GLY A 28 -20.23 -17.68 -6.35
CA GLY A 28 -21.30 -16.69 -6.48
C GLY A 28 -22.52 -17.21 -7.22
N LYS A 29 -22.29 -17.94 -8.32
CA LYS A 29 -23.40 -18.52 -9.10
C LYS A 29 -24.14 -19.58 -8.30
N VAL A 30 -23.51 -20.18 -7.29
CA VAL A 30 -24.26 -21.14 -6.48
C VAL A 30 -24.59 -20.53 -5.09
N GLY A 31 -24.67 -19.20 -5.05
CA GLY A 31 -25.18 -18.49 -3.87
C GLY A 31 -24.16 -18.12 -2.80
N ASN A 32 -22.89 -18.03 -3.14
CA ASN A 32 -21.92 -17.53 -2.16
C ASN A 32 -22.24 -16.09 -1.79
N GLN A 33 -22.33 -15.85 -0.48
CA GLN A 33 -22.77 -14.59 0.08
C GLN A 33 -21.60 -13.79 0.66
N LYS A 34 -20.40 -14.34 0.55
CA LYS A 34 -19.34 -13.93 1.45
C LYS A 34 -17.96 -13.92 0.78
N ARG A 35 -17.05 -13.12 1.34
CA ARG A 35 -15.64 -13.20 0.90
C ARG A 35 -15.08 -14.60 0.89
N VAL A 36 -14.16 -14.79 -0.06
CA VAL A 36 -13.35 -15.99 -0.11
C VAL A 36 -12.00 -15.71 0.57
N VAL A 37 -11.50 -16.68 1.33
CA VAL A 37 -10.16 -16.65 1.95
C VAL A 37 -9.35 -17.80 1.40
N GLY A 38 -8.07 -17.53 1.15
CA GLY A 38 -7.21 -18.61 0.64
C GLY A 38 -5.78 -18.28 1.03
N VAL A 39 -4.89 -19.13 0.57
CA VAL A 39 -3.50 -19.08 0.90
C VAL A 39 -2.79 -18.69 -0.36
N LEU A 40 -1.69 -17.94 -0.21
CA LEU A 40 -0.84 -17.58 -1.32
C LEU A 40 0.46 -18.36 -1.19
N LEU A 41 1.00 -18.76 -2.35
CA LEU A 41 2.23 -19.51 -2.41
C LEU A 41 3.13 -18.75 -3.30
N GLY A 42 4.43 -18.82 -3.04
CA GLY A 42 5.31 -18.13 -3.91
C GLY A 42 6.69 -18.23 -3.39
N SER A 43 7.43 -17.17 -3.59
CA SER A 43 8.83 -17.10 -3.23
C SER A 43 9.21 -15.63 -2.99
N TRP A 44 10.31 -15.38 -2.30
CA TRP A 44 10.73 -14.03 -1.96
C TRP A 44 12.06 -13.86 -2.64
N GLN A 45 12.33 -12.70 -3.25
CA GLN A 45 13.69 -12.35 -3.70
C GLN A 45 14.22 -11.15 -2.94
N LYS A 46 13.64 -9.99 -3.15
CA LYS A 46 14.44 -8.82 -2.65
C LYS A 46 13.58 -7.87 -1.85
N LYS A 47 13.02 -8.41 -0.76
CA LYS A 47 11.90 -7.79 -0.05
C LYS A 47 10.75 -7.73 -1.05
N VAL A 48 10.91 -8.42 -2.18
CA VAL A 48 9.84 -8.61 -3.14
C VAL A 48 9.27 -10.01 -3.07
N LEU A 49 7.99 -10.08 -2.78
CA LEU A 49 7.28 -11.32 -2.71
C LEU A 49 6.64 -11.62 -4.07
N ASP A 50 6.92 -12.81 -4.54
CA ASP A 50 6.40 -13.26 -5.78
C ASP A 50 5.32 -14.28 -5.46
N VAL A 51 4.09 -13.88 -5.73
CA VAL A 51 2.94 -14.72 -5.47
C VAL A 51 2.56 -15.43 -6.77
N SER A 52 2.86 -16.71 -6.82
CA SER A 52 2.70 -17.44 -8.07
C SER A 52 1.51 -18.42 -8.06
N ASN A 53 0.97 -18.69 -6.88
CA ASN A 53 -0.07 -19.69 -6.74
C ASN A 53 -0.90 -19.37 -5.54
N SER A 54 -2.00 -20.07 -5.42
CA SER A 54 -2.99 -19.75 -4.41
C SER A 54 -3.94 -20.90 -4.29
N PHE A 55 -4.66 -20.99 -3.18
CA PHE A 55 -5.74 -21.93 -3.14
C PHE A 55 -6.68 -21.42 -2.12
N ALA A 56 -7.96 -21.65 -2.36
CA ALA A 56 -9.00 -21.21 -1.43
C ALA A 56 -8.99 -22.25 -0.32
N VAL A 57 -9.43 -21.82 0.85
CA VAL A 57 -9.53 -22.71 1.97
C VAL A 57 -10.91 -22.49 2.52
N PRO A 58 -11.53 -23.55 3.05
CA PRO A 58 -12.76 -23.43 3.79
C PRO A 58 -12.63 -22.41 4.92
N PHE A 59 -13.54 -21.47 4.96
CA PHE A 59 -13.41 -20.39 5.91
C PHE A 59 -14.78 -19.96 6.30
N ASP A 60 -14.99 -19.76 7.60
CA ASP A 60 -16.26 -19.34 8.10
C ASP A 60 -16.01 -18.23 9.07
N GLU A 61 -16.93 -17.29 9.10
CA GLU A 61 -16.79 -16.21 10.03
C GLU A 61 -18.22 -15.79 10.38
N ASP A 62 -18.42 -15.47 11.64
CA ASP A 62 -19.75 -15.13 12.12
C ASP A 62 -20.00 -13.71 11.65
N ASP A 63 -21.20 -13.48 11.11
CA ASP A 63 -21.50 -12.24 10.42
C ASP A 63 -21.96 -11.20 11.44
N LYS A 64 -22.02 -11.58 12.71
CA LYS A 64 -22.41 -10.68 13.78
C LYS A 64 -21.17 -10.31 14.56
N ASP A 65 -20.25 -11.26 14.70
CA ASP A 65 -19.08 -10.95 15.48
C ASP A 65 -17.99 -11.74 14.83
N ASP A 66 -17.22 -11.11 13.98
CA ASP A 66 -16.25 -11.88 13.18
C ASP A 66 -14.97 -12.28 13.95
N SER A 67 -14.95 -12.02 15.27
CA SER A 67 -13.99 -12.66 16.15
C SER A 67 -14.29 -14.17 16.15
N VAL A 68 -15.49 -14.54 15.70
CA VAL A 68 -15.81 -15.96 15.60
C VAL A 68 -15.56 -16.34 14.13
N TRP A 69 -14.50 -17.10 13.90
CA TRP A 69 -14.05 -17.38 12.53
C TRP A 69 -13.23 -18.65 12.62
N PHE A 70 -13.25 -19.42 11.55
CA PHE A 70 -12.39 -20.56 11.50
C PHE A 70 -11.87 -20.75 10.07
N LEU A 71 -10.62 -21.17 10.01
CA LEU A 71 -9.97 -21.68 8.80
CA LEU A 71 -10.23 -21.90 8.78
C LEU A 71 -9.44 -23.05 9.21
N ASP A 72 -9.57 -24.14 8.41
CA ASP A 72 -8.95 -25.37 8.78
C ASP A 72 -7.52 -25.31 8.31
N HIS A 73 -6.65 -25.27 9.31
CA HIS A 73 -5.25 -25.24 9.02
C HIS A 73 -4.85 -26.65 8.52
N ASP A 74 -5.61 -27.69 8.88
CA ASP A 74 -5.33 -29.03 8.35
C ASP A 74 -5.53 -29.02 6.81
N TYR A 75 -6.58 -28.37 6.38
CA TYR A 75 -6.93 -28.27 4.98
C TYR A 75 -5.81 -27.53 4.30
N LEU A 76 -5.40 -26.41 4.88
CA LEU A 76 -4.37 -25.67 4.25
C LEU A 76 -3.03 -26.44 4.16
N GLU A 77 -2.69 -27.13 5.23
CA GLU A 77 -1.47 -27.91 5.24
C GLU A 77 -1.60 -29.07 4.25
N ASN A 78 -2.76 -29.68 4.21
N ASN A 78 -2.76 -29.70 4.21
CA ASN A 78 -3.00 -30.81 3.29
CA ASN A 78 -2.98 -30.81 3.27
C ASN A 78 -2.93 -30.40 1.82
C ASN A 78 -2.83 -30.35 1.83
N MET A 79 -3.52 -29.25 1.51
CA MET A 79 -3.53 -28.69 0.19
C MET A 79 -2.12 -28.27 -0.23
N TYR A 80 -1.44 -27.62 0.71
CA TYR A 80 -0.09 -27.21 0.47
C TYR A 80 0.78 -28.44 0.21
N GLY A 81 0.69 -29.47 1.04
CA GLY A 81 1.44 -30.75 0.81
C GLY A 81 1.15 -31.38 -0.55
N MET A 82 -0.13 -31.38 -0.93
N MET A 82 -0.09 -31.34 -1.00
CA MET A 82 -0.60 -31.81 -2.25
CA MET A 82 -0.43 -31.89 -2.30
C MET A 82 0.13 -31.02 -3.33
C MET A 82 0.00 -31.02 -3.47
N PHE A 83 0.02 -29.71 -3.27
CA PHE A 83 0.69 -28.82 -4.20
C PHE A 83 2.16 -29.12 -4.28
N LYS A 84 2.80 -29.35 -3.13
CA LYS A 84 4.27 -29.59 -3.12
C LYS A 84 4.66 -30.81 -3.91
N LYS A 85 3.75 -31.78 -3.95
CA LYS A 85 4.01 -32.99 -4.75
C LYS A 85 4.03 -32.75 -6.25
N VAL A 86 3.50 -31.64 -6.71
CA VAL A 86 3.38 -31.48 -8.15
C VAL A 86 4.06 -30.24 -8.65
N ASN A 87 4.15 -29.26 -7.79
CA ASN A 87 4.53 -27.97 -8.24
C ASN A 87 6.01 -27.74 -8.07
N ALA A 88 6.51 -26.80 -8.86
CA ALA A 88 7.81 -26.19 -8.62
C ALA A 88 7.78 -25.62 -7.20
N ARG A 89 8.87 -25.73 -6.48
CA ARG A 89 9.02 -25.18 -5.15
C ARG A 89 8.33 -23.83 -4.99
N GLU A 90 7.37 -23.77 -4.09
CA GLU A 90 6.67 -22.55 -3.77
C GLU A 90 6.47 -22.76 -2.28
N ARG A 91 6.28 -21.69 -1.56
CA ARG A 91 6.15 -21.72 -0.14
C ARG A 91 4.86 -20.98 0.13
N ILE A 92 4.20 -21.29 1.21
CA ILE A 92 3.23 -20.37 1.81
C ILE A 92 3.90 -19.04 2.09
N VAL A 93 3.37 -18.00 1.48
CA VAL A 93 4.01 -16.67 1.62
C VAL A 93 2.98 -15.70 2.17
N GLY A 94 1.79 -16.20 2.31
CA GLY A 94 0.74 -15.40 2.84
C GLY A 94 -0.63 -15.91 2.47
N TRP A 95 -1.58 -14.99 2.40
CA TRP A 95 -2.97 -15.39 2.22
C TRP A 95 -3.72 -14.28 1.54
N TYR A 96 -4.93 -14.61 1.15
CA TYR A 96 -5.74 -13.64 0.49
C TYR A 96 -7.17 -13.73 0.92
N HIS A 97 -7.87 -12.66 0.61
CA HIS A 97 -9.32 -12.70 0.68
C HIS A 97 -9.84 -11.71 -0.33
N THR A 98 -11.11 -11.83 -0.65
CA THR A 98 -11.65 -11.10 -1.74
C THR A 98 -12.19 -9.74 -1.24
N GLY A 99 -12.11 -9.48 0.05
CA GLY A 99 -12.39 -8.12 0.55
C GLY A 99 -13.87 -7.85 0.38
N PRO A 100 -14.24 -6.68 -0.19
CA PRO A 100 -13.35 -5.65 -0.76
C PRO A 100 -12.37 -4.96 0.19
N LYS A 101 -12.60 -5.01 1.49
CA LYS A 101 -11.72 -4.28 2.37
C LYS A 101 -11.27 -5.18 3.49
N LEU A 102 -10.36 -4.67 4.30
CA LEU A 102 -9.95 -5.34 5.49
C LEU A 102 -11.14 -5.59 6.40
N HIS A 103 -11.15 -6.76 6.98
CA HIS A 103 -12.15 -7.14 8.01
C HIS A 103 -11.43 -7.13 9.35
N LYS A 104 -12.20 -6.93 10.40
CA LYS A 104 -11.69 -6.86 11.76
C LYS A 104 -10.91 -8.06 12.18
N ASN A 105 -11.27 -9.23 11.71
CA ASN A 105 -10.60 -10.45 12.09
C ASN A 105 -9.37 -10.78 11.22
N ASP A 106 -9.01 -9.90 10.27
CA ASP A 106 -7.90 -10.20 9.37
C ASP A 106 -6.59 -10.29 10.14
N ILE A 107 -6.39 -9.45 11.15
CA ILE A 107 -5.18 -9.57 11.96
C ILE A 107 -5.08 -10.94 12.60
N ALA A 108 -6.19 -11.48 13.12
CA ALA A 108 -6.22 -12.77 13.73
C ALA A 108 -6.03 -13.83 12.72
N ILE A 109 -6.69 -13.72 11.58
CA ILE A 109 -6.43 -14.68 10.52
C ILE A 109 -4.96 -14.72 10.14
N ASN A 110 -4.39 -13.53 9.98
CA ASN A 110 -3.01 -13.40 9.62
C ASN A 110 -2.10 -14.03 10.64
N GLU A 111 -2.44 -13.93 11.95
CA GLU A 111 -1.72 -14.58 13.01
C GLU A 111 -1.71 -16.10 12.85
N LEU A 112 -2.84 -16.68 12.43
CA LEU A 112 -2.86 -18.08 12.09
C LEU A 112 -1.96 -18.34 10.88
N MET A 113 -2.04 -17.52 9.86
CA MET A 113 -1.18 -17.70 8.70
C MET A 113 0.28 -17.58 8.99
N LYS A 114 0.64 -16.73 9.96
CA LYS A 114 2.05 -16.54 10.37
C LYS A 114 2.63 -17.83 10.97
N ARG A 115 1.77 -18.78 11.36
CA ARG A 115 2.31 -20.10 11.70
C ARG A 115 3.13 -20.70 10.56
N TYR A 116 2.75 -20.37 9.34
CA TYR A 116 3.29 -20.99 8.14
C TYR A 116 4.30 -20.08 7.47
N CYS A 117 4.18 -18.78 7.71
N CYS A 117 4.10 -18.79 7.71
CA CYS A 117 5.02 -17.80 7.08
CA CYS A 117 4.83 -17.72 7.04
C CYS A 117 5.00 -16.61 8.02
C CYS A 117 4.95 -16.54 8.04
N PRO A 118 6.05 -16.48 8.85
CA PRO A 118 6.21 -15.33 9.76
C PRO A 118 6.04 -13.98 9.10
N ASN A 119 6.42 -13.86 7.83
CA ASN A 119 6.27 -12.59 7.13
C ASN A 119 5.10 -12.64 6.17
N SER A 120 4.07 -13.35 6.59
CA SER A 120 2.78 -13.47 5.86
C SER A 120 2.32 -12.13 5.33
N VAL A 121 1.94 -12.13 4.07
CA VAL A 121 1.41 -10.94 3.49
C VAL A 121 -0.01 -11.31 3.20
N LEU A 122 -0.90 -10.40 3.51
CA LEU A 122 -2.25 -10.53 3.07
C LEU A 122 -2.43 -9.75 1.77
N VAL A 123 -3.11 -10.35 0.80
CA VAL A 123 -3.46 -9.63 -0.39
C VAL A 123 -4.96 -9.65 -0.49
N ILE A 124 -5.56 -8.47 -0.51
CA ILE A 124 -6.98 -8.39 -0.85
C ILE A 124 -7.06 -8.34 -2.35
N ILE A 125 -7.77 -9.32 -2.88
CA ILE A 125 -7.93 -9.42 -4.31
C ILE A 125 -9.32 -8.96 -4.65
N ASP A 126 -9.38 -7.88 -5.38
CA ASP A 126 -10.59 -7.27 -5.89
C ASP A 126 -11.16 -8.16 -7.00
N VAL A 127 -12.30 -8.78 -6.72
CA VAL A 127 -13.01 -9.62 -7.68
C VAL A 127 -14.19 -8.92 -8.34
N LYS A 128 -14.41 -7.66 -8.03
CA LYS A 128 -15.50 -6.91 -8.67
C LYS A 128 -15.12 -6.53 -10.08
N PRO A 129 -15.97 -6.90 -11.06
CA PRO A 129 -15.78 -6.75 -12.51
C PRO A 129 -15.44 -5.32 -12.93
N LYS A 130 -16.08 -4.35 -12.28
CA LYS A 130 -15.99 -2.97 -12.71
C LYS A 130 -15.42 -2.15 -11.55
N ASP A 131 -14.20 -2.50 -11.18
CA ASP A 131 -13.46 -1.93 -10.05
C ASP A 131 -12.03 -1.56 -10.45
N GLY A 133 -9.40 0.63 -8.77
CA GLY A 133 -9.10 -0.87 -8.62
C GLY A 133 -8.47 -1.29 -9.95
N LEU A 134 -7.18 -1.62 -10.02
CA LEU A 134 -6.29 -1.98 -8.87
C LEU A 134 -6.68 -3.26 -8.19
N PRO A 135 -6.38 -4.37 -8.87
CA PRO A 135 -6.81 -5.72 -8.52
C PRO A 135 -6.33 -6.22 -7.14
N THR A 136 -5.16 -5.75 -6.71
CA THR A 136 -4.57 -6.26 -5.47
C THR A 136 -4.24 -5.14 -4.50
N GLU A 137 -4.39 -5.44 -3.24
CA GLU A 137 -3.96 -4.53 -2.20
C GLU A 137 -3.26 -5.44 -1.19
N ALA A 138 -1.97 -5.20 -0.96
CA ALA A 138 -1.22 -6.08 -0.11
C ALA A 138 -1.00 -5.38 1.23
N TYR A 139 -0.86 -6.21 2.26
CA TYR A 139 -0.66 -5.77 3.63
C TYR A 139 0.27 -6.76 4.34
N ILE A 140 0.98 -6.24 5.32
CA ILE A 140 1.74 -7.02 6.25
C ILE A 140 1.34 -6.48 7.60
N SER A 141 1.10 -7.38 8.52
CA SER A 141 0.86 -7.04 9.89
C SER A 141 2.09 -6.49 10.56
N VAL A 142 1.88 -5.42 11.31
CA VAL A 142 2.96 -4.70 11.90
C VAL A 142 2.57 -4.47 13.35
N GLU A 143 3.54 -4.55 14.24
CA GLU A 143 3.20 -4.35 15.62
C GLU A 143 3.38 -2.86 15.90
N GLU A 144 2.43 -2.29 16.65
CA GLU A 144 2.51 -0.92 17.16
C GLU A 144 2.60 -1.08 18.65
N VAL A 145 3.73 -0.66 19.23
CA VAL A 145 3.95 -0.70 20.68
C VAL A 145 3.41 0.59 21.28
N HIS A 146 2.88 0.47 22.59
CA HIS A 146 2.12 1.58 23.21
C HIS A 146 2.81 2.10 24.44
N PRO A 151 -0.51 -1.65 25.70
CA PRO A 151 -0.82 -3.02 25.33
C PRO A 151 -0.60 -3.23 23.84
N THR A 152 0.63 -3.59 23.48
CA THR A 152 1.06 -3.65 22.06
C THR A 152 -0.02 -4.17 21.09
N SER A 153 -0.11 -3.51 19.91
CA SER A 153 -1.21 -3.70 18.98
C SER A 153 -0.72 -4.11 17.58
N LYS A 154 -1.55 -4.85 16.84
CA LYS A 154 -1.22 -5.23 15.46
C LYS A 154 -2.11 -4.53 14.48
N THR A 155 -1.48 -4.01 13.44
CA THR A 155 -2.19 -3.36 12.39
C THR A 155 -1.61 -3.75 11.03
N PHE A 156 -2.41 -3.64 9.98
CA PHE A 156 -1.90 -3.91 8.64
C PHE A 156 -1.30 -2.67 8.03
N GLU A 157 -0.10 -2.86 7.53
CA GLU A 157 0.56 -1.83 6.80
C GLU A 157 0.47 -2.19 5.32
N HIS A 158 0.09 -1.26 4.46
CA HIS A 158 0.15 -1.43 3.03
C HIS A 158 1.51 -1.79 2.49
N VAL A 159 1.57 -2.76 1.59
CA VAL A 159 2.79 -3.20 0.89
C VAL A 159 2.45 -2.86 -0.59
N THR A 160 3.29 -2.00 -1.33
CA THR A 160 3.21 -1.93 -2.81
C THR A 160 2.92 -3.36 -3.38
N SER A 161 1.93 -3.46 -4.25
N SER A 161 1.93 -3.44 -4.26
CA SER A 161 1.57 -4.74 -4.93
CA SER A 161 1.52 -4.68 -4.93
C SER A 161 1.10 -4.50 -6.34
C SER A 161 1.40 -4.40 -6.41
N GLU A 162 1.40 -5.45 -7.22
CA GLU A 162 1.08 -5.31 -8.64
C GLU A 162 0.76 -6.67 -9.17
N ILE A 163 -0.04 -6.68 -10.24
CA ILE A 163 -0.13 -7.88 -11.07
C ILE A 163 1.13 -7.81 -11.90
N GLY A 164 1.92 -8.88 -11.84
CA GLY A 164 3.20 -8.91 -12.54
C GLY A 164 3.42 -10.27 -13.15
N ALA A 165 4.12 -10.29 -14.26
CA ALA A 165 4.32 -11.50 -14.99
C ALA A 165 5.62 -11.36 -15.69
N GLU A 166 6.41 -12.42 -15.74
CA GLU A 166 7.52 -12.44 -16.66
C GLU A 166 7.03 -12.38 -18.07
N GLU A 167 7.87 -11.91 -18.98
CA GLU A 167 7.39 -11.62 -20.33
C GLU A 167 6.78 -12.84 -20.96
N ALA A 168 7.41 -13.98 -20.81
CA ALA A 168 6.96 -15.18 -21.50
C ALA A 168 5.59 -15.55 -20.96
N GLU A 169 5.43 -15.33 -19.66
CA GLU A 169 4.21 -15.53 -18.95
C GLU A 169 3.07 -14.56 -19.39
N GLU A 170 3.40 -13.26 -19.55
CA GLU A 170 2.41 -12.33 -20.12
C GLU A 170 1.96 -12.65 -21.55
N VAL A 171 2.90 -13.08 -22.41
CA VAL A 171 2.55 -13.50 -23.77
C VAL A 171 1.62 -14.73 -23.75
N GLY A 172 1.84 -15.64 -22.79
CA GLY A 172 0.93 -16.76 -22.53
C GLY A 172 -0.46 -16.28 -22.16
N VAL A 173 -0.54 -15.24 -21.32
CA VAL A 173 -1.83 -14.61 -21.04
C VAL A 173 -2.41 -13.93 -22.27
N GLU A 174 -1.59 -13.16 -22.99
CA GLU A 174 -2.02 -12.53 -24.24
C GLU A 174 -2.57 -13.58 -25.18
N HIS A 175 -1.88 -14.72 -25.26
CA HIS A 175 -2.28 -15.81 -26.17
C HIS A 175 -3.60 -16.45 -25.72
N LEU A 176 -3.73 -16.67 -24.41
CA LEU A 176 -5.00 -17.02 -23.77
C LEU A 176 -6.16 -16.15 -24.31
N LEU A 177 -6.07 -14.83 -24.13
CA LEU A 177 -7.17 -13.95 -24.57
C LEU A 177 -7.49 -14.03 -26.08
N ARG A 178 -6.47 -14.15 -26.92
CA ARG A 178 -6.70 -14.37 -28.34
C ARG A 178 -7.41 -15.70 -28.65
N ASP A 179 -7.31 -16.66 -27.72
CA ASP A 179 -7.89 -18.02 -27.93
C ASP A 179 -9.43 -18.10 -27.78
N ILE A 180 -9.98 -17.28 -26.87
CA ILE A 180 -11.30 -17.48 -26.25
C ILE A 180 -12.56 -17.33 -27.17
N LYS A 181 -13.49 -18.28 -27.01
CA LYS A 181 -14.82 -18.27 -27.67
C LYS A 181 -15.98 -18.06 -26.65
N ASP A 182 -17.07 -17.46 -27.08
CA ASP A 182 -18.12 -17.09 -26.16
C ASP A 182 -19.22 -18.12 -26.10
N THR A 183 -19.96 -18.09 -25.01
CA THR A 183 -20.50 -19.25 -24.33
C THR A 183 -19.55 -20.42 -23.98
N THR A 184 -19.25 -20.60 -22.69
CA THR A 184 -20.00 -20.01 -21.61
C THR A 184 -20.41 -21.09 -20.63
N VAL A 185 -21.67 -21.51 -20.69
CA VAL A 185 -22.34 -22.12 -19.55
C VAL A 185 -22.13 -23.62 -19.34
N MET B 2 4.53 -3.13 -20.22
CA MET B 2 4.06 -2.09 -19.26
C MET B 2 4.86 -2.20 -17.94
N PRO B 3 5.72 -1.21 -17.65
CA PRO B 3 6.70 -1.35 -16.53
C PRO B 3 6.09 -1.17 -15.13
N GLU B 4 6.70 -1.85 -14.15
CA GLU B 4 6.32 -1.68 -12.74
C GLU B 4 6.59 -0.28 -12.21
N LEU B 5 6.20 -0.01 -10.96
CA LEU B 5 6.39 1.31 -10.39
C LEU B 5 7.86 1.68 -10.33
N ALA B 6 8.09 2.99 -10.42
CA ALA B 6 9.42 3.55 -10.29
C ALA B 6 9.75 3.57 -8.80
N VAL B 7 8.71 3.69 -7.96
CA VAL B 7 8.86 3.66 -6.49
C VAL B 7 8.06 2.52 -5.88
N GLN B 8 8.77 1.65 -5.15
CA GLN B 8 8.14 0.59 -4.41
C GLN B 8 8.18 0.72 -2.87
N LYS B 9 8.95 1.68 -2.33
CA LYS B 9 8.89 1.92 -0.90
C LYS B 9 9.33 3.32 -0.63
N VAL B 10 8.68 3.93 0.35
CA VAL B 10 8.91 5.30 0.73
C VAL B 10 9.30 5.30 2.19
N VAL B 11 10.45 5.90 2.45
CA VAL B 11 10.94 5.97 3.79
C VAL B 11 10.82 7.44 4.13
N VAL B 12 9.95 7.73 5.09
CA VAL B 12 9.76 9.10 5.51
C VAL B 12 10.54 9.33 6.80
N HIS B 13 11.41 10.32 6.79
CA HIS B 13 12.26 10.58 7.93
C HIS B 13 11.51 11.27 9.03
N PRO B 14 11.87 10.96 10.28
CA PRO B 14 11.18 11.50 11.43
C PRO B 14 10.93 12.99 11.39
N LEU B 15 11.93 13.77 10.95
CA LEU B 15 11.80 15.22 10.86
C LEU B 15 10.62 15.60 10.03
N VAL B 16 10.41 14.91 8.90
CA VAL B 16 9.29 15.22 8.10
C VAL B 16 7.98 15.02 8.86
N LEU B 17 7.84 13.91 9.57
CA LEU B 17 6.59 13.64 10.26
C LEU B 17 6.37 14.72 11.31
N LEU B 18 7.42 15.04 12.03
CA LEU B 18 7.36 15.98 13.11
C LEU B 18 6.97 17.34 12.58
N SER B 19 7.67 17.77 11.53
N SER B 19 7.63 17.78 11.51
CA SER B 19 7.42 19.04 10.85
CA SER B 19 7.39 19.07 10.88
C SER B 19 5.96 19.14 10.49
C SER B 19 5.97 19.20 10.36
N VAL B 20 5.47 18.12 9.78
CA VAL B 20 4.12 18.15 9.24
C VAL B 20 3.11 18.12 10.35
N VAL B 21 3.31 17.29 11.36
CA VAL B 21 2.37 17.23 12.48
C VAL B 21 2.41 18.55 13.24
N ASP B 22 3.63 19.03 13.50
CA ASP B 22 3.76 20.27 14.21
C ASP B 22 3.07 21.45 13.48
N HIS B 23 3.32 21.58 12.19
CA HIS B 23 2.77 22.68 11.41
C HIS B 23 1.24 22.60 11.47
N PHE B 24 0.73 21.40 11.20
CA PHE B 24 -0.69 21.16 11.28
C PHE B 24 -1.30 21.54 12.64
N ASN B 25 -0.67 21.14 13.75
CA ASN B 25 -1.22 21.46 15.06
C ASN B 25 -1.17 22.95 15.32
N ARG B 26 -0.10 23.60 14.84
CA ARG B 26 0.11 25.01 15.06
C ARG B 26 -0.89 25.84 14.30
N ILE B 27 -1.17 25.47 13.05
CA ILE B 27 -2.24 26.20 12.35
C ILE B 27 -3.60 25.86 12.90
N GLY B 28 -3.77 24.62 13.38
CA GLY B 28 -4.97 24.23 14.12
C GLY B 28 -5.30 25.14 15.29
N LYS B 29 -4.28 25.55 16.03
CA LYS B 29 -4.49 26.49 17.16
C LYS B 29 -4.97 27.85 16.69
N VAL B 30 -4.72 28.21 15.44
CA VAL B 30 -5.21 29.50 14.95
C VAL B 30 -6.38 29.31 13.97
N GLY B 31 -7.06 28.17 14.12
CA GLY B 31 -8.35 27.93 13.43
C GLY B 31 -8.25 27.29 12.05
N ASN B 32 -7.16 26.60 11.75
CA ASN B 32 -7.15 25.82 10.52
C ASN B 32 -8.24 24.77 10.52
N GLN B 33 -8.98 24.71 9.43
CA GLN B 33 -10.15 23.87 9.32
C GLN B 33 -9.91 22.73 8.34
N LYS B 34 -8.71 22.68 7.76
CA LYS B 34 -8.55 21.91 6.56
C LYS B 34 -7.22 21.17 6.54
N ARG B 35 -7.14 20.15 5.70
CA ARG B 35 -5.83 19.51 5.44
C ARG B 35 -4.75 20.48 4.97
N VAL B 36 -3.54 20.09 5.31
CA VAL B 36 -2.34 20.76 4.83
C VAL B 36 -1.77 19.95 3.65
N VAL B 37 -1.31 20.65 2.64
CA VAL B 37 -0.63 20.08 1.46
C VAL B 37 0.75 20.67 1.43
N GLY B 38 1.73 19.84 1.08
CA GLY B 38 3.07 20.35 0.97
C GLY B 38 3.82 19.44 -0.01
N VAL B 39 5.08 19.72 -0.13
CA VAL B 39 5.98 19.07 -1.07
C VAL B 39 6.96 18.28 -0.22
N LEU B 40 7.35 17.13 -0.76
CA LEU B 40 8.34 16.28 -0.18
C LEU B 40 9.59 16.35 -1.00
N LEU B 41 10.71 16.29 -0.27
CA LEU B 41 12.00 16.40 -0.89
C LEU B 41 12.78 15.24 -0.46
N GLY B 42 13.65 14.75 -1.33
CA GLY B 42 14.39 13.62 -0.93
C GLY B 42 15.23 13.15 -2.07
N SER B 43 15.47 11.85 -2.06
CA SER B 43 16.30 11.20 -3.03
C SER B 43 15.77 9.77 -3.22
N TRP B 44 16.20 9.12 -4.29
CA TRP B 44 15.74 7.77 -4.63
C TRP B 44 16.98 6.91 -4.66
N GLN B 45 16.91 5.69 -4.14
CA GLN B 45 17.99 4.70 -4.35
C GLN B 45 17.48 3.49 -5.10
N LYS B 46 16.64 2.70 -4.50
CA LYS B 46 16.44 1.43 -5.17
C LYS B 46 15.01 1.10 -5.34
N LYS B 47 14.32 1.88 -6.13
CA LYS B 47 12.85 1.95 -6.13
C LYS B 47 12.42 2.33 -4.70
N VAL B 48 13.40 2.72 -3.87
CA VAL B 48 13.11 3.26 -2.53
C VAL B 48 13.29 4.78 -2.50
N LEU B 49 12.19 5.45 -2.20
CA LEU B 49 12.20 6.87 -2.06
C LEU B 49 12.50 7.26 -0.60
N ASP B 50 13.51 8.10 -0.45
CA ASP B 50 13.90 8.56 0.84
C ASP B 50 13.40 10.00 0.95
N VAL B 51 12.45 10.18 1.83
CA VAL B 51 11.84 11.47 2.00
C VAL B 51 12.49 12.11 3.22
N SER B 52 13.32 13.09 2.96
CA SER B 52 14.10 13.67 4.04
C SER B 52 13.66 15.08 4.49
N ASN B 53 12.80 15.73 3.69
CA ASN B 53 12.44 17.10 3.94
C ASN B 53 11.07 17.35 3.30
N SER B 54 10.54 18.49 3.62
CA SER B 54 9.16 18.80 3.24
C SER B 54 8.94 20.26 3.47
N PHE B 55 7.89 20.81 2.86
CA PHE B 55 7.51 22.15 3.20
C PHE B 55 6.06 22.24 2.82
N ALA B 56 5.32 23.01 3.60
CA ALA B 56 3.91 23.23 3.29
C ALA B 56 3.86 24.26 2.22
N VAL B 57 2.78 24.21 1.44
CA VAL B 57 2.59 25.17 0.38
C VAL B 57 1.20 25.68 0.62
N PRO B 58 0.98 26.97 0.31
CA PRO B 58 -0.37 27.54 0.28
C PRO B 58 -1.24 26.70 -0.66
N PHE B 59 -2.37 26.28 -0.16
CA PHE B 59 -3.20 25.39 -0.93
C PHE B 59 -4.62 25.71 -0.54
N ASP B 60 -5.47 25.82 -1.57
CA ASP B 60 -6.88 26.05 -1.34
C ASP B 60 -7.67 25.09 -2.16
N GLU B 61 -8.79 24.65 -1.61
CA GLU B 61 -9.66 23.78 -2.36
C GLU B 61 -11.07 24.14 -1.95
N ASP B 62 -11.95 24.09 -2.91
CA ASP B 62 -13.34 24.44 -2.66
C ASP B 62 -13.97 23.25 -1.95
N ASP B 63 -14.71 23.55 -0.87
CA ASP B 63 -15.21 22.53 0.02
C ASP B 63 -16.51 21.93 -0.52
N LYS B 64 -17.02 22.47 -1.62
CA LYS B 64 -18.21 21.98 -2.27
C LYS B 64 -17.85 21.18 -3.50
N ASP B 65 -16.78 21.58 -4.18
CA ASP B 65 -16.40 20.90 -5.41
C ASP B 65 -14.89 21.03 -5.44
N ASP B 66 -14.19 20.00 -4.95
CA ASP B 66 -12.72 20.11 -4.82
C ASP B 66 -11.94 19.97 -6.15
N SER B 67 -12.66 19.90 -7.29
CA SER B 67 -12.04 20.14 -8.60
C SER B 67 -11.60 21.60 -8.68
N VAL B 68 -12.10 22.43 -7.78
CA VAL B 68 -11.65 23.80 -7.68
C VAL B 68 -10.59 23.81 -6.58
N TRP B 69 -9.34 23.96 -6.98
CA TRP B 69 -8.23 23.88 -6.03
C TRP B 69 -7.05 24.62 -6.65
N PHE B 70 -6.21 25.17 -5.79
CA PHE B 70 -5.05 25.80 -6.27
C PHE B 70 -3.90 25.57 -5.27
N LEU B 71 -2.75 25.32 -5.83
CA LEU B 71 -1.45 25.31 -5.17
CA LEU B 71 -1.56 25.63 -5.03
C LEU B 71 -0.61 26.32 -5.93
N ASP B 72 0.11 27.25 -5.30
N ASP B 72 0.19 27.22 -5.34
CA ASP B 72 1.04 28.06 -6.07
CA ASP B 72 1.05 28.11 -6.12
C ASP B 72 2.28 27.24 -6.37
C ASP B 72 2.37 27.45 -6.42
N HIS B 73 2.49 26.99 -7.65
CA HIS B 73 3.68 26.32 -8.10
C HIS B 73 4.86 27.31 -8.01
N ASP B 74 4.60 28.62 -8.08
CA ASP B 74 5.65 29.60 -7.88
C ASP B 74 6.19 29.52 -6.47
N TYR B 75 5.31 29.30 -5.50
CA TYR B 75 5.68 29.22 -4.14
C TYR B 75 6.52 27.98 -3.99
N LEU B 76 6.05 26.88 -4.56
CA LEU B 76 6.77 25.68 -4.39
C LEU B 76 8.15 25.75 -5.04
N GLU B 77 8.25 26.35 -6.22
CA GLU B 77 9.51 26.46 -6.91
C GLU B 77 10.40 27.42 -6.12
N ASN B 78 9.82 28.51 -5.65
CA ASN B 78 10.58 29.48 -4.82
C ASN B 78 11.13 28.86 -3.56
N MET B 79 10.28 28.10 -2.86
CA MET B 79 10.67 27.47 -1.62
C MET B 79 11.74 26.42 -1.87
N TYR B 80 11.50 25.62 -2.92
CA TYR B 80 12.46 24.63 -3.30
C TYR B 80 13.84 25.27 -3.62
N GLY B 81 13.86 26.31 -4.46
CA GLY B 81 15.10 27.06 -4.80
C GLY B 81 15.79 27.58 -3.58
N MET B 82 15.03 28.07 -2.60
CA MET B 82 15.63 28.56 -1.40
C MET B 82 16.17 27.44 -0.51
N PHE B 83 15.47 26.31 -0.45
CA PHE B 83 16.05 25.12 0.19
C PHE B 83 17.34 24.69 -0.46
N LYS B 84 17.35 24.71 -1.77
CA LYS B 84 18.55 24.27 -2.52
C LYS B 84 19.79 25.08 -2.18
N LYS B 85 19.59 26.33 -1.81
CA LYS B 85 20.71 27.18 -1.41
C LYS B 85 21.34 26.80 -0.10
N VAL B 86 20.69 25.95 0.66
CA VAL B 86 21.07 25.76 2.02
C VAL B 86 21.25 24.28 2.33
N ASN B 87 20.52 23.45 1.61
CA ASN B 87 20.42 22.07 1.98
C ASN B 87 21.34 21.23 1.17
N ALA B 88 21.67 20.06 1.75
CA ALA B 88 22.30 18.99 0.99
C ALA B 88 21.32 18.67 -0.13
N ARG B 89 21.85 18.31 -1.28
CA ARG B 89 21.06 17.99 -2.43
C ARG B 89 19.85 17.13 -2.07
N GLU B 90 18.67 17.61 -2.41
CA GLU B 90 17.42 16.89 -2.21
C GLU B 90 16.68 17.36 -3.46
N ARG B 91 15.72 16.57 -3.89
CA ARG B 91 14.93 16.85 -5.03
C ARG B 91 13.48 16.81 -4.56
N ILE B 92 12.62 17.50 -5.26
CA ILE B 92 11.21 17.21 -5.20
C ILE B 92 10.99 15.76 -5.60
N VAL B 93 10.41 15.01 -4.68
CA VAL B 93 10.17 13.59 -4.93
C VAL B 93 8.68 13.29 -4.81
N GLY B 94 7.94 14.30 -4.41
CA GLY B 94 6.51 14.15 -4.30
C GLY B 94 5.93 15.18 -3.40
N TRP B 95 4.83 14.82 -2.74
CA TRP B 95 4.05 15.77 -1.99
C TRP B 95 3.27 15.04 -0.93
N TYR B 96 2.73 15.81 -0.04
CA TYR B 96 2.01 15.26 1.04
C TYR B 96 0.76 16.04 1.32
N HIS B 97 -0.09 15.38 2.06
CA HIS B 97 -1.22 16.06 2.71
C HIS B 97 -1.59 15.32 3.94
N THR B 98 -2.32 15.98 4.80
CA THR B 98 -2.58 15.45 6.10
C THR B 98 -3.86 14.60 6.10
N GLY B 99 -4.57 14.52 4.98
CA GLY B 99 -5.60 13.51 4.82
C GLY B 99 -6.79 13.91 5.69
N PRO B 100 -7.30 12.97 6.51
CA PRO B 100 -6.81 11.60 6.72
C PRO B 100 -6.82 10.67 5.51
N LYS B 101 -7.58 10.97 4.50
CA LYS B 101 -7.70 10.08 3.39
C LYS B 101 -7.48 10.79 2.07
N LEU B 102 -7.37 10.02 1.01
CA LEU B 102 -7.36 10.54 -0.32
C LEU B 102 -8.58 11.39 -0.57
N HIS B 103 -8.32 12.50 -1.23
CA HIS B 103 -9.35 13.43 -1.68
C HIS B 103 -9.49 13.26 -3.19
N LYS B 104 -10.66 13.58 -3.71
CA LYS B 104 -11.01 13.44 -5.11
C LYS B 104 -10.06 14.18 -6.04
N ASN B 105 -9.58 15.33 -5.60
CA ASN B 105 -8.63 16.12 -6.38
C ASN B 105 -7.16 15.72 -6.22
N ASP B 106 -6.84 14.67 -5.47
CA ASP B 106 -5.41 14.32 -5.24
C ASP B 106 -4.74 13.89 -6.53
N ILE B 107 -5.47 13.20 -7.41
CA ILE B 107 -4.88 12.85 -8.72
C ILE B 107 -4.46 14.09 -9.49
N ALA B 108 -5.30 15.12 -9.51
CA ALA B 108 -5.03 16.36 -10.19
C ALA B 108 -3.90 17.09 -9.52
N ILE B 109 -3.92 17.19 -8.21
CA ILE B 109 -2.79 17.78 -7.53
C ILE B 109 -1.48 17.06 -7.89
N ASN B 110 -1.54 15.75 -7.87
CA ASN B 110 -0.40 14.94 -8.18
C ASN B 110 0.08 15.19 -9.59
N GLU B 111 -0.83 15.42 -10.55
CA GLU B 111 -0.48 15.79 -11.91
C GLU B 111 0.33 17.09 -11.98
N LEU B 112 -0.05 18.08 -11.16
CA LEU B 112 0.73 19.28 -11.00
C LEU B 112 2.10 18.96 -10.37
N MET B 113 2.12 18.14 -9.33
CA MET B 113 3.42 17.73 -8.78
C MET B 113 4.32 17.00 -9.74
N LYS B 114 3.71 16.23 -10.64
CA LYS B 114 4.48 15.52 -11.66
C LYS B 114 5.24 16.44 -12.59
N ARG B 115 4.87 17.72 -12.65
CA ARG B 115 5.71 18.67 -13.35
C ARG B 115 7.12 18.68 -12.81
N TYR B 116 7.26 18.39 -11.53
CA TYR B 116 8.53 18.55 -10.83
C TYR B 116 9.19 17.21 -10.59
N CYS B 117 8.36 16.17 -10.57
N CYS B 117 8.34 16.19 -10.54
CA CYS B 117 8.84 14.84 -10.32
CA CYS B 117 8.72 14.83 -10.21
C CYS B 117 7.86 13.90 -10.99
C CYS B 117 7.80 13.87 -10.98
N PRO B 118 8.21 13.39 -12.18
CA PRO B 118 7.37 12.45 -12.91
C PRO B 118 6.91 11.24 -12.10
N ASN B 119 7.74 10.78 -11.17
CA ASN B 119 7.41 9.66 -10.32
C ASN B 119 7.03 10.14 -8.92
N SER B 120 6.33 11.27 -8.89
CA SER B 120 5.79 11.90 -7.67
C SER B 120 5.09 10.85 -6.82
N VAL B 121 5.43 10.85 -5.56
CA VAL B 121 4.76 9.98 -4.64
C VAL B 121 3.99 10.93 -3.77
N LEU B 122 2.74 10.58 -3.50
CA LEU B 122 2.01 11.29 -2.50
C LEU B 122 2.11 10.51 -1.18
N VAL B 123 2.35 11.25 -0.09
CA VAL B 123 2.29 10.62 1.23
C VAL B 123 1.21 11.32 2.03
N ILE B 124 0.24 10.55 2.50
CA ILE B 124 -0.70 11.08 3.47
C ILE B 124 -0.10 10.86 4.81
N ILE B 125 0.07 11.98 5.49
CA ILE B 125 0.69 11.95 6.77
C ILE B 125 -0.44 12.13 7.77
N ASP B 126 -0.63 11.14 8.60
CA ASP B 126 -1.59 11.11 9.68
C ASP B 126 -1.09 12.02 10.81
N VAL B 127 -1.83 13.10 11.07
CA VAL B 127 -1.51 14.08 12.12
C VAL B 127 -2.39 13.93 13.33
N LYS B 128 -3.28 12.94 13.34
CA LYS B 128 -4.13 12.72 14.49
C LYS B 128 -3.32 12.04 15.57
N PRO B 129 -3.30 12.62 16.79
CA PRO B 129 -2.55 12.20 17.99
C PRO B 129 -2.78 10.74 18.39
N LYS B 130 -4.01 10.26 18.23
CA LYS B 130 -4.39 8.95 18.75
C LYS B 130 -4.90 8.09 17.59
N ASP B 131 -4.00 7.86 16.63
CA ASP B 131 -4.26 7.15 15.36
C ASP B 131 -3.16 6.12 15.06
N GLY B 133 -3.02 3.39 12.85
CA GLY B 133 -2.05 4.29 12.07
C GLY B 133 -0.78 4.34 12.92
N LEU B 134 0.40 4.07 12.35
CA LEU B 134 0.71 4.12 10.87
C LEU B 134 0.63 5.52 10.33
N PRO B 135 1.68 6.28 10.63
CA PRO B 135 1.80 7.70 10.36
C PRO B 135 1.73 8.06 8.86
N THR B 136 2.21 7.18 7.99
CA THR B 136 2.34 7.51 6.57
C THR B 136 1.62 6.47 5.73
N GLU B 137 1.03 6.97 4.66
CA GLU B 137 0.44 6.14 3.66
C GLU B 137 0.88 6.72 2.34
N ALA B 138 1.62 5.95 1.56
CA ALA B 138 2.22 6.46 0.35
C ALA B 138 1.41 5.91 -0.83
N TYR B 139 1.37 6.72 -1.88
CA TYR B 139 0.68 6.43 -3.13
C TYR B 139 1.49 6.94 -4.31
N ILE B 140 1.35 6.25 -5.42
CA ILE B 140 1.85 6.71 -6.69
C ILE B 140 0.67 6.59 -7.62
N SER B 141 0.48 7.61 -8.44
CA SER B 141 -0.52 7.60 -9.42
C SER B 141 -0.19 6.61 -10.52
N VAL B 142 -1.16 5.81 -10.88
CA VAL B 142 -0.97 4.87 -12.00
C VAL B 142 -2.07 5.04 -13.00
N GLU B 143 -1.78 4.71 -14.23
CA GLU B 143 -2.77 4.84 -15.27
C GLU B 143 -3.49 3.51 -15.50
N GLU B 144 -4.80 3.59 -15.75
CA GLU B 144 -5.66 2.44 -16.01
C GLU B 144 -6.25 2.56 -17.43
N VAL B 145 -5.75 1.73 -18.35
CA VAL B 145 -6.22 1.80 -19.74
C VAL B 145 -7.54 1.02 -19.94
N HIS B 146 -8.58 1.77 -20.46
CA HIS B 146 -9.92 1.18 -20.54
C HIS B 146 -10.18 0.55 -21.90
N PRO B 151 -11.02 5.42 -22.07
CA PRO B 151 -10.81 6.72 -21.46
C PRO B 151 -9.87 6.63 -20.26
N THR B 152 -8.61 6.44 -20.55
CA THR B 152 -7.55 6.08 -19.63
C THR B 152 -7.62 6.89 -18.33
N SER B 153 -7.71 6.14 -17.21
CA SER B 153 -7.98 6.76 -15.93
C SER B 153 -6.74 6.76 -15.04
N LYS B 154 -6.66 7.69 -14.09
CA LYS B 154 -5.57 7.69 -13.11
C LYS B 154 -6.09 7.34 -11.75
N THR B 155 -5.33 6.51 -11.06
CA THR B 155 -5.67 6.09 -9.73
C THR B 155 -4.44 5.98 -8.86
N PHE B 156 -4.59 6.13 -7.54
CA PHE B 156 -3.44 5.97 -6.67
C PHE B 156 -3.29 4.53 -6.26
N GLU B 157 -2.06 4.07 -6.42
CA GLU B 157 -1.70 2.75 -5.98
C GLU B 157 -0.91 2.95 -4.69
N HIS B 158 -1.21 2.16 -3.65
CA HIS B 158 -0.42 2.15 -2.42
C HIS B 158 1.01 1.74 -2.63
N VAL B 159 1.90 2.48 -2.00
CA VAL B 159 3.31 2.16 -1.98
C VAL B 159 3.69 1.88 -0.51
N THR B 160 4.51 0.88 -0.21
CA THR B 160 5.02 0.67 1.15
C THR B 160 5.67 1.94 1.64
N SER B 161 5.35 2.34 2.87
CA SER B 161 5.97 3.54 3.43
C SER B 161 6.27 3.25 4.87
N GLU B 162 7.29 3.88 5.39
CA GLU B 162 7.65 3.66 6.82
C GLU B 162 8.28 4.93 7.27
N ILE B 163 8.16 5.21 8.56
CA ILE B 163 9.04 6.21 9.19
C ILE B 163 10.35 5.47 9.32
N GLY B 164 11.41 6.05 8.75
CA GLY B 164 12.71 5.40 8.78
C GLY B 164 13.80 6.41 9.01
N ALA B 165 14.84 5.97 9.70
CA ALA B 165 15.90 6.87 10.07
C ALA B 165 17.16 6.07 10.13
N GLU B 166 18.28 6.71 9.79
CA GLU B 166 19.61 6.13 10.00
C GLU B 166 19.85 5.96 11.50
N GLU B 167 20.71 5.01 11.88
CA GLU B 167 20.98 4.76 13.30
C GLU B 167 21.39 6.05 14.07
N ALA B 168 22.27 6.85 13.44
CA ALA B 168 22.73 8.11 14.02
C ALA B 168 21.55 9.08 14.16
N GLU B 169 20.73 9.08 13.12
CA GLU B 169 19.57 9.94 13.05
C GLU B 169 18.50 9.55 14.08
N GLU B 170 18.38 8.24 14.37
CA GLU B 170 17.41 7.81 15.39
C GLU B 170 17.84 8.14 16.81
N VAL B 171 19.13 7.95 17.11
CA VAL B 171 19.70 8.35 18.40
C VAL B 171 19.51 9.86 18.61
N GLY B 172 19.62 10.64 17.52
CA GLY B 172 19.35 12.08 17.57
C GLY B 172 17.91 12.35 17.98
N VAL B 173 16.97 11.59 17.43
CA VAL B 173 15.58 11.66 17.86
C VAL B 173 15.38 11.16 19.28
N GLU B 174 16.00 10.03 19.63
CA GLU B 174 15.98 9.52 21.00
C GLU B 174 16.48 10.57 21.97
N HIS B 175 17.54 11.26 21.56
CA HIS B 175 18.18 12.30 22.40
C HIS B 175 17.27 13.52 22.53
N LEU B 176 16.70 13.97 21.42
CA LEU B 176 15.59 14.91 21.40
C LEU B 176 14.54 14.64 22.50
N LEU B 177 13.91 13.46 22.49
CA LEU B 177 12.90 13.11 23.53
C LEU B 177 13.42 13.14 24.98
N ARG B 178 14.64 12.67 25.22
CA ARG B 178 15.25 12.80 26.54
C ARG B 178 15.46 14.26 26.98
N ASP B 179 15.54 15.18 26.02
CA ASP B 179 15.83 16.60 26.32
C ASP B 179 14.65 17.40 26.90
N ILE B 180 13.43 17.04 26.46
CA ILE B 180 12.21 17.90 26.53
C ILE B 180 11.61 18.22 27.92
N LYS B 181 11.27 19.51 28.12
CA LYS B 181 10.58 20.03 29.32
C LYS B 181 9.16 20.51 29.00
N ASP B 182 8.23 20.38 29.95
CA ASP B 182 6.82 20.70 29.71
C ASP B 182 6.48 22.16 29.98
S SO4 C . 0.28 2.29 5.29
O1 SO4 C . 1.71 2.31 5.63
O2 SO4 C . 0.10 2.68 3.88
O3 SO4 C . -0.33 0.99 5.45
O4 SO4 C . -0.44 3.27 6.12
C36 12P D . -16.56 -8.94 2.44
C35 12P D . -17.83 -9.58 3.03
O34 12P D . -17.94 -11.00 3.24
C33 12P D . -18.22 -11.11 4.64
C32 12P D . -17.51 -12.24 5.37
O31 12P D . -17.67 -13.51 4.71
C30 12P D . -16.68 -14.46 5.09
C29 12P D . -16.44 -15.61 4.13
O28 12P D . -16.39 -16.84 4.84
C27 12P D . -17.54 -17.69 5.02
C26 12P D . -18.50 -17.05 6.05
O25 12P D . -18.89 -17.77 7.23
C24 12P D . -20.20 -18.35 7.25
C23 12P D . -20.18 -19.83 6.94
O22 12P D . -21.33 -20.51 7.47
C21 12P D . -21.91 -21.37 6.50
C20 12P D . -22.11 -22.75 7.12
O19 12P D . -21.79 -23.79 6.19
C18 12P D . -20.42 -24.24 6.20
C17 12P D . -19.76 -24.12 7.56
O16 12P D . -20.56 -24.73 8.59
C15 12P D . -20.00 -24.53 9.87
C14 12P D . -18.78 -25.40 10.12
O13 12P D . -18.24 -25.05 11.40
C12 12P D . -17.18 -24.07 11.37
C11 12P D . -16.08 -24.34 10.34
O10 12P D . -15.98 -23.34 9.33
C9 12P D . -14.63 -23.02 8.96
C8 12P D . -14.15 -23.69 7.66
O7 12P D . -14.42 -25.10 7.60
C6 12P D . -13.28 -25.93 7.85
C5 12P D . -13.07 -26.98 6.78
O4 12P D . -11.67 -27.28 6.54
C3 12P D . -11.35 -28.55 7.13
C2 12P D . -10.81 -29.56 6.13
O1 12P D . -11.92 -30.07 5.40
O1 PG4 E . -19.63 -9.22 -5.09
C1 PG4 E . -18.24 -8.92 -5.06
C2 PG4 E . -17.79 -8.75 -3.61
O2 PG4 E . -16.43 -9.17 -3.34
C3 PG4 E . -15.61 -8.03 -3.44
C4 PG4 E . -14.53 -8.34 -4.45
O3 PG4 E . -13.37 -7.64 -4.09
C5 PG4 E . -13.41 -6.28 -4.54
C6 PG4 E . -12.48 -5.27 -3.85
O4 PG4 E . -11.11 -5.72 -3.59
C7 PG4 E . -10.34 -4.90 -2.71
C7 PG4 E . -10.37 -4.57 -3.18
C8 PG4 E . -8.95 -4.39 -3.17
C8 PG4 E . -8.98 -4.87 -2.64
O5 PG4 E . -7.95 -5.37 -3.49
O5 PG4 E . -8.77 -4.16 -1.41
C1 PGE F . 11.95 -31.71 -11.99
O1 PGE F . 11.59 -33.06 -12.27
C2 PGE F . 10.67 -30.89 -11.87
O2 PGE F . 9.99 -31.25 -10.66
C3 PGE F . 8.86 -30.43 -10.44
C4 PGE F . 8.57 -30.36 -8.95
O4 PGE F . 8.97 -33.47 -5.87
C6 PGE F . 8.14 -33.24 -7.01
C5 PGE F . 7.92 -31.74 -7.19
O3 PGE F . 7.80 -31.48 -8.58
C1 PGE G . -23.94 -12.29 -3.19
O1 PGE G . -24.70 -11.36 -2.43
C2 PGE G . -22.55 -11.72 -3.41
O2 PGE G . -21.59 -12.25 -2.48
C3 PGE G . -20.42 -11.43 -2.55
C4 PGE G . -19.57 -11.61 -1.31
O4 PGE G . -18.90 -7.32 -0.60
C6 PGE G . -19.79 -8.42 -0.43
C5 PGE G . -19.02 -9.68 -0.03
O3 PGE G . -18.67 -10.52 -1.14
S SO4 H . -3.17 -0.78 -4.05
O1 SO4 H . -2.06 -1.29 -4.84
O2 SO4 H . -4.43 -1.37 -4.54
O3 SO4 H . -3.02 -1.22 -2.66
O4 SO4 H . -3.24 0.65 -4.07
S SO4 I . -6.85 2.51 3.36
S SO4 I . -7.84 1.90 0.83
O1 SO4 I . -5.95 2.18 4.46
O1 SO4 I . -7.56 0.66 1.56
O2 SO4 I . -7.01 1.36 2.46
O2 SO4 I . -7.42 1.77 -0.57
O3 SO4 I . -8.17 2.87 3.91
O3 SO4 I . -9.28 2.19 0.87
O4 SO4 I . -6.30 3.64 2.61
O4 SO4 I . -7.13 3.00 1.48
OH2 ETE J . -8.00 17.77 13.46
C12 ETE J . -8.22 17.12 12.21
C22 ETE J . -7.23 15.99 11.93
OH3 ETE J . -6.55 16.23 10.67
C13 ETE J . -5.64 13.94 10.30
C23 ETE J . -6.31 15.18 9.73
OH4 ETE J . -4.44 13.45 9.62
C14 ETE J . -4.90 10.98 9.63
C24 ETE J . -4.69 12.28 8.87
OH5 ETE J . -4.78 9.85 8.76
C15 ETE J . -3.60 8.65 7.02
C25 ETE J . -3.90 10.01 7.62
OH6 ETE J . -2.38 8.64 6.24
C26 ETE J . -1.25 8.22 6.92
C1 PGE K . 24.33 24.78 -2.15
C1 PGE K . 24.90 24.89 -2.08
O1 PGE K . 25.05 25.88 -1.59
O1 PGE K . 25.53 24.32 -3.23
C2 PGE K . 23.79 23.88 -1.05
C2 PGE K . 24.20 23.80 -1.27
O2 PGE K . 24.66 23.83 0.07
C3 PGE K . 24.70 22.54 0.66
C4 PGE K . 25.85 22.48 1.65
O4 PGE K . 29.98 22.99 1.53
C6 PGE K . 29.36 21.77 1.15
C5 PGE K . 28.05 21.61 1.93
O3 PGE K . 26.91 21.71 1.06
C1 PGE L . -10.01 16.55 8.99
O1 PGE L . -11.43 16.70 9.00
C2 PGE L . -9.41 17.73 8.22
O2 PGE L . -8.41 18.37 9.00
C3 PGE L . -8.73 19.74 9.23
C4 PGE L . -8.38 20.18 10.64
O4 PGE L . -12.00 21.38 12.99
C6 PGE L . -10.63 21.76 13.11
C5 PGE L . -9.75 20.68 12.47
O3 PGE L . -9.41 21.04 11.14
#